data_4LKE
#
_entry.id   4LKE
#
_cell.length_a   60.524
_cell.length_b   64.427
_cell.length_c   155.462
_cell.angle_alpha   90.00
_cell.angle_beta   90.00
_cell.angle_gamma   90.00
#
_symmetry.space_group_name_H-M   'P 21 21 21'
#
loop_
_entity.id
_entity.type
_entity.pdbx_description
1 polymer 'PA-I galactophilic lectin'
2 polymer 'peptide WRIA'
3 non-polymer beta-D-galactopyranose
4 non-polymer 'CALCIUM ION'
5 non-polymer 'P-HYDROXYBENZOIC ACID'
6 water water
#
loop_
_entity_poly.entity_id
_entity_poly.type
_entity_poly.pdbx_seq_one_letter_code
_entity_poly.pdbx_strand_id
1 'polypeptide(L)'
;AWKGEVLANNEAGQVTSIIYNPGDVITIVAAGWASYGPTQKWGPQGDREHPDQGLICHDAFCGALVMKIGNSGTIPVNTG
LFRWVAPNNVQGAITLIYNDVPGTYGNNSGSFSVNIGKDQS
;
A,B,C,D
2 'polypeptide(L)' WRIA E,H,F,G
#
loop_
_chem_comp.id
_chem_comp.type
_chem_comp.name
_chem_comp.formula
CA non-polymer 'CALCIUM ION' 'Ca 2'
GAL D-saccharide, beta linking beta-D-galactopyranose 'C6 H12 O6'
PHB non-polymer 'P-HYDROXYBENZOIC ACID' 'C7 H6 O3'
#
# COMPACT_ATOMS: atom_id res chain seq x y z
N ALA A 1 -0.33 11.73 -2.39
CA ALA A 1 0.41 11.50 -3.63
C ALA A 1 0.44 12.77 -4.47
N TRP A 2 1.40 12.87 -5.37
CA TRP A 2 1.58 14.09 -6.15
C TRP A 2 1.77 13.71 -7.59
N LYS A 3 1.13 14.47 -8.48
CA LYS A 3 1.37 14.33 -9.90
C LYS A 3 1.58 15.69 -10.52
N GLY A 4 2.56 15.82 -11.39
CA GLY A 4 2.83 17.11 -11.98
C GLY A 4 3.89 17.04 -13.05
N GLU A 5 4.22 18.19 -13.59
CA GLU A 5 5.23 18.27 -14.64
C GLU A 5 6.46 18.99 -14.15
N VAL A 6 7.61 18.55 -14.66
CA VAL A 6 8.87 19.17 -14.33
C VAL A 6 9.45 19.71 -15.64
N LEU A 7 9.50 21.04 -15.77
CA LEU A 7 10.04 21.65 -16.99
C LEU A 7 11.56 21.57 -17.07
N ALA A 8 12.07 21.22 -18.25
CA ALA A 8 13.50 21.09 -18.45
C ALA A 8 14.21 22.42 -18.21
N ASN A 9 13.50 23.51 -18.43
CA ASN A 9 14.13 24.82 -18.36
C ASN A 9 13.96 25.50 -17.01
N ASN A 10 13.40 24.77 -16.05
CA ASN A 10 13.19 25.30 -14.70
C ASN A 10 14.41 25.00 -13.83
N GLU A 11 15.36 25.94 -13.82
CA GLU A 11 16.60 25.73 -13.07
C GLU A 11 16.37 25.53 -11.57
N ALA A 12 15.35 26.17 -11.02
CA ALA A 12 15.14 26.12 -9.57
C ALA A 12 14.54 24.77 -9.17
N GLY A 13 13.90 24.13 -10.12
CA GLY A 13 13.25 22.85 -9.85
C GLY A 13 11.79 23.01 -9.50
N GLN A 14 11.08 21.88 -9.54
CA GLN A 14 9.65 21.87 -9.23
C GLN A 14 9.46 21.32 -7.81
N VAL A 15 9.00 22.16 -6.89
CA VAL A 15 8.69 21.71 -5.54
C VAL A 15 7.41 20.89 -5.57
N THR A 16 7.43 19.71 -4.97
CA THR A 16 6.22 18.87 -4.91
C THR A 16 5.53 19.07 -3.58
N SER A 17 4.38 18.40 -3.41
CA SER A 17 3.64 18.45 -2.15
C SER A 17 4.09 17.35 -1.19
N ILE A 18 5.07 16.56 -1.63
CA ILE A 18 5.55 15.45 -0.83
C ILE A 18 6.61 15.89 0.16
N ILE A 19 6.34 15.65 1.45
CA ILE A 19 7.37 15.80 2.45
C ILE A 19 7.88 14.42 2.84
N TYR A 20 9.14 14.15 2.53
CA TYR A 20 9.73 12.86 2.90
C TYR A 20 10.11 12.86 4.37
N ASN A 21 9.51 11.94 5.13
CA ASN A 21 9.80 11.81 6.55
C ASN A 21 10.57 10.53 6.83
N PRO A 22 11.35 10.50 7.92
CA PRO A 22 12.13 9.31 8.23
C PRO A 22 11.24 8.07 8.24
N GLY A 23 11.68 7.02 7.55
CA GLY A 23 10.95 5.76 7.52
C GLY A 23 10.04 5.64 6.32
N ASP A 24 9.79 6.76 5.64
CA ASP A 24 8.89 6.77 4.50
C ASP A 24 9.40 5.86 3.36
N VAL A 25 8.47 5.18 2.70
CA VAL A 25 8.80 4.42 1.51
C VAL A 25 8.05 5.12 0.39
N ILE A 26 8.75 5.44 -0.70
CA ILE A 26 8.11 6.15 -1.79
C ILE A 26 8.34 5.48 -3.13
N THR A 27 7.42 5.72 -4.05
CA THR A 27 7.57 5.27 -5.42
C THR A 27 7.40 6.45 -6.35
N ILE A 28 8.26 6.52 -7.34
CA ILE A 28 8.21 7.61 -8.31
C ILE A 28 8.20 6.98 -9.69
N VAL A 29 7.34 7.47 -10.58
CA VAL A 29 7.38 7.09 -12.00
C VAL A 29 7.45 8.35 -12.85
N ALA A 30 8.44 8.43 -13.73
CA ALA A 30 8.65 9.62 -14.56
C ALA A 30 8.60 9.23 -16.02
N ALA A 31 7.93 10.04 -16.83
CA ALA A 31 7.84 9.76 -18.27
C ALA A 31 7.97 11.05 -19.07
N GLY A 32 8.27 10.92 -20.36
CA GLY A 32 8.23 12.05 -21.26
C GLY A 32 9.54 12.34 -21.96
N TRP A 33 9.55 13.48 -22.66
CA TRP A 33 10.66 13.82 -23.56
C TRP A 33 11.12 15.25 -23.33
N ALA A 34 12.42 15.44 -23.21
CA ALA A 34 12.97 16.78 -22.96
C ALA A 34 14.35 16.96 -23.57
N SER A 35 14.80 18.20 -23.64
CA SER A 35 16.13 18.49 -24.17
C SER A 35 16.86 19.56 -23.38
N TYR A 36 18.19 19.42 -23.36
CA TYR A 36 19.06 20.39 -22.71
C TYR A 36 19.61 21.38 -23.74
N GLY A 37 19.10 21.34 -24.97
CA GLY A 37 19.53 22.28 -26.00
C GLY A 37 19.28 21.81 -27.41
N PRO A 38 19.80 20.61 -27.76
CA PRO A 38 19.67 20.08 -29.11
C PRO A 38 18.23 19.87 -29.57
N THR A 39 18.04 19.74 -30.88
CA THR A 39 16.69 19.60 -31.42
C THR A 39 16.10 18.22 -31.07
N GLN A 40 16.95 17.22 -30.82
CA GLN A 40 16.48 15.93 -30.33
C GLN A 40 15.93 16.05 -28.93
N LYS A 41 15.32 14.95 -28.49
CA LYS A 41 14.87 14.82 -27.10
C LYS A 41 15.27 13.47 -26.50
N TRP A 42 15.36 13.47 -25.17
CA TRP A 42 15.75 12.29 -24.41
C TRP A 42 14.75 12.04 -23.29
N GLY A 43 14.69 10.79 -22.84
CA GLY A 43 13.81 10.42 -21.74
C GLY A 43 14.42 10.79 -20.40
N PRO A 44 13.76 10.40 -19.30
CA PRO A 44 14.15 10.75 -17.93
C PRO A 44 15.52 10.23 -17.52
N GLN A 45 16.10 9.30 -18.27
CA GLN A 45 17.48 8.89 -17.97
C GLN A 45 18.52 9.79 -18.65
N GLY A 46 18.05 10.74 -19.44
CA GLY A 46 18.95 11.67 -20.11
C GLY A 46 19.74 11.10 -21.28
N ASP A 47 20.85 11.77 -21.61
CA ASP A 47 21.66 11.48 -22.79
C ASP A 47 22.95 10.76 -22.39
N ARG A 48 22.99 9.46 -22.63
CA ARG A 48 24.11 8.63 -22.17
C ARG A 48 25.40 8.92 -22.94
N GLU A 49 25.31 9.70 -24.01
CA GLU A 49 26.51 9.99 -24.80
C GLU A 49 27.10 11.38 -24.55
N HIS A 50 26.51 12.14 -23.64
CA HIS A 50 26.92 13.52 -23.43
C HIS A 50 27.85 13.66 -22.22
N PRO A 51 28.98 14.36 -22.39
CA PRO A 51 29.91 14.53 -21.27
C PRO A 51 29.31 15.38 -20.16
N ASP A 52 29.79 15.17 -18.94
CA ASP A 52 29.41 15.97 -17.79
C ASP A 52 30.29 17.20 -17.73
N GLN A 53 29.72 18.37 -18.04
CA GLN A 53 30.49 19.61 -18.04
C GLN A 53 30.10 20.51 -16.86
N GLY A 54 29.74 19.90 -15.73
CA GLY A 54 29.40 20.65 -14.54
C GLY A 54 27.93 20.50 -14.15
N LEU A 55 27.37 19.31 -14.37
CA LEU A 55 25.98 19.02 -14.03
C LEU A 55 25.66 19.20 -12.54
N ILE A 56 24.42 19.54 -12.24
CA ILE A 56 23.99 19.62 -10.84
C ILE A 56 24.01 18.26 -10.16
N CYS A 57 23.94 17.19 -10.96
CA CYS A 57 24.06 15.84 -10.42
C CYS A 57 25.07 15.04 -11.23
N HIS A 58 26.19 14.70 -10.62
CA HIS A 58 27.24 13.98 -11.34
C HIS A 58 26.98 12.47 -11.39
N ASP A 59 25.91 12.01 -10.73
CA ASP A 59 25.57 10.60 -10.72
C ASP A 59 24.44 10.26 -11.69
N ALA A 60 24.11 11.18 -12.57
CA ALA A 60 23.12 10.94 -13.62
C ALA A 60 23.54 11.66 -14.88
N PHE A 61 23.01 11.23 -16.02
CA PHE A 61 23.38 11.85 -17.30
C PHE A 61 22.75 13.24 -17.43
N CYS A 62 23.33 14.05 -18.29
CA CYS A 62 22.74 15.32 -18.66
C CYS A 62 21.36 15.05 -19.25
N GLY A 63 20.35 15.77 -18.78
CA GLY A 63 19.00 15.58 -19.28
C GLY A 63 18.19 14.57 -18.47
N ALA A 64 18.79 13.99 -17.44
CA ALA A 64 18.06 13.07 -16.56
C ALA A 64 17.25 13.81 -15.50
N LEU A 65 16.24 13.13 -14.94
CA LEU A 65 15.50 13.67 -13.81
C LEU A 65 16.22 13.34 -12.52
N VAL A 66 16.39 14.36 -11.67
CA VAL A 66 16.98 14.18 -10.35
C VAL A 66 16.12 14.89 -9.33
N MET A 67 16.47 14.75 -8.05
CA MET A 67 15.69 15.39 -7.00
C MET A 67 16.57 15.85 -5.85
N LYS A 68 16.02 16.74 -5.04
CA LYS A 68 16.57 17.03 -3.74
C LYS A 68 15.48 16.79 -2.72
N ILE A 69 15.87 16.29 -1.55
CA ILE A 69 14.96 16.11 -0.44
C ILE A 69 15.42 17.03 0.68
N GLY A 70 14.59 18.01 1.00
CA GLY A 70 14.98 19.03 1.97
C GLY A 70 16.22 19.72 1.42
N ASN A 71 17.27 19.79 2.22
CA ASN A 71 18.52 20.41 1.77
C ASN A 71 19.59 19.39 1.42
N SER A 72 19.17 18.22 0.94
CA SER A 72 20.12 17.21 0.52
C SER A 72 20.80 17.66 -0.77
N GLY A 73 21.85 16.94 -1.16
CA GLY A 73 22.43 17.11 -2.47
C GLY A 73 21.51 16.43 -3.47
N THR A 74 21.84 16.51 -4.75
CA THR A 74 21.00 15.91 -5.78
C THR A 74 21.06 14.39 -5.73
N ILE A 75 19.91 13.76 -5.99
CA ILE A 75 19.78 12.32 -5.98
C ILE A 75 19.14 11.92 -7.32
N PRO A 76 19.74 10.95 -8.02
CA PRO A 76 19.15 10.52 -9.31
C PRO A 76 17.76 9.92 -9.14
N VAL A 77 16.85 10.29 -10.03
CA VAL A 77 15.53 9.67 -10.09
C VAL A 77 15.42 8.87 -11.38
N ASN A 78 15.89 9.43 -12.48
CA ASN A 78 15.80 8.75 -13.77
C ASN A 78 14.35 8.40 -14.10
N THR A 79 14.07 7.15 -14.47
CA THR A 79 12.71 6.75 -14.82
C THR A 79 11.83 6.59 -13.57
N GLY A 80 12.47 6.55 -12.40
CA GLY A 80 11.73 6.47 -11.16
C GLY A 80 12.37 5.59 -10.10
N LEU A 81 11.66 5.44 -8.99
CA LEU A 81 12.15 4.71 -7.84
C LEU A 81 11.02 3.81 -7.36
N PHE A 82 11.34 2.58 -7.02
CA PHE A 82 10.31 1.63 -6.62
C PHE A 82 10.44 1.29 -5.14
N ARG A 83 9.44 1.69 -4.36
CA ARG A 83 9.42 1.42 -2.91
C ARG A 83 10.78 1.72 -2.30
N TRP A 84 11.19 2.98 -2.44
CA TRP A 84 12.54 3.43 -2.14
C TRP A 84 12.59 4.13 -0.78
N VAL A 85 13.66 3.88 -0.04
CA VAL A 85 13.89 4.56 1.25
C VAL A 85 15.12 5.45 1.14
N ALA A 86 15.02 6.68 1.66
CA ALA A 86 16.10 7.65 1.55
C ALA A 86 17.26 7.30 2.48
N PRO A 87 18.44 7.87 2.19
CA PRO A 87 19.56 7.65 3.11
C PRO A 87 19.26 8.25 4.48
N ASN A 88 19.98 7.78 5.47
CA ASN A 88 19.89 8.29 6.83
C ASN A 88 19.93 9.82 6.88
N ASN A 89 19.07 10.38 7.72
CA ASN A 89 19.07 11.82 7.99
C ASN A 89 18.63 12.68 6.81
N VAL A 90 18.16 12.05 5.74
CA VAL A 90 17.63 12.82 4.64
C VAL A 90 16.13 12.96 4.81
N GLN A 91 15.65 14.20 4.83
CA GLN A 91 14.22 14.42 4.99
C GLN A 91 13.82 15.80 4.53
N GLY A 92 12.54 15.98 4.26
CA GLY A 92 12.01 17.27 3.83
C GLY A 92 11.27 17.23 2.52
N ALA A 93 10.91 18.40 2.02
CA ALA A 93 10.14 18.51 0.79
C ALA A 93 10.94 17.97 -0.39
N ILE A 94 10.26 17.25 -1.28
CA ILE A 94 10.89 16.75 -2.49
C ILE A 94 10.77 17.77 -3.62
N THR A 95 11.92 18.17 -4.14
CA THR A 95 12.00 19.04 -5.30
C THR A 95 12.56 18.25 -6.47
N LEU A 96 11.85 18.28 -7.59
CA LEU A 96 12.30 17.58 -8.79
C LEU A 96 13.02 18.56 -9.72
N ILE A 97 14.13 18.12 -10.30
CA ILE A 97 14.93 19.00 -11.15
C ILE A 97 15.49 18.29 -12.36
N TYR A 98 15.50 19.00 -13.50
CA TYR A 98 16.14 18.52 -14.72
C TYR A 98 17.66 18.67 -14.56
N ASN A 99 18.41 17.64 -14.93
CA ASN A 99 19.87 17.67 -14.77
C ASN A 99 20.56 18.41 -15.91
N ASP A 100 21.05 19.61 -15.63
CA ASP A 100 21.82 20.36 -16.63
C ASP A 100 22.90 21.15 -15.89
N VAL A 101 23.70 21.90 -16.64
CA VAL A 101 24.76 22.72 -16.06
C VAL A 101 24.15 24.04 -15.62
N PRO A 102 24.45 24.48 -14.38
CA PRO A 102 23.91 25.76 -13.89
C PRO A 102 24.22 26.90 -14.86
N GLY A 103 23.23 27.76 -15.08
CA GLY A 103 23.40 28.87 -16.00
C GLY A 103 23.07 28.54 -17.46
N THR A 104 22.77 27.28 -17.76
CA THR A 104 22.53 26.87 -19.15
C THR A 104 21.12 26.32 -19.38
N TYR A 105 20.20 26.59 -18.46
CA TYR A 105 18.84 26.07 -18.54
C TYR A 105 17.94 26.83 -19.52
N GLY A 106 18.35 28.04 -19.91
CA GLY A 106 17.51 28.87 -20.76
C GLY A 106 17.13 28.29 -22.12
N ASN A 107 17.96 27.41 -22.65
CA ASN A 107 17.69 26.85 -23.98
C ASN A 107 17.07 25.46 -23.90
N ASN A 108 16.68 25.05 -22.70
CA ASN A 108 16.06 23.74 -22.51
C ASN A 108 14.61 23.70 -22.99
N SER A 109 14.10 22.50 -23.25
CA SER A 109 12.73 22.40 -23.73
C SER A 109 12.10 21.08 -23.30
N GLY A 110 10.77 21.03 -23.36
CA GLY A 110 10.05 19.85 -22.95
C GLY A 110 9.94 19.71 -21.44
N SER A 111 9.46 18.55 -20.99
CA SER A 111 9.18 18.34 -19.58
C SER A 111 8.98 16.85 -19.32
N PHE A 112 9.04 16.45 -18.06
CA PHE A 112 8.68 15.09 -17.68
C PHE A 112 7.42 15.13 -16.83
N SER A 113 6.53 14.16 -17.07
CA SER A 113 5.36 13.96 -16.24
C SER A 113 5.75 12.99 -15.13
N VAL A 114 5.46 13.36 -13.89
CA VAL A 114 5.97 12.60 -12.76
C VAL A 114 4.87 12.33 -11.74
N ASN A 115 4.77 11.09 -11.29
CA ASN A 115 3.94 10.72 -10.14
C ASN A 115 4.79 10.33 -8.96
N ILE A 116 4.40 10.77 -7.76
CA ILE A 116 5.08 10.36 -6.54
C ILE A 116 4.03 9.96 -5.51
N GLY A 117 4.23 8.80 -4.90
CA GLY A 117 3.34 8.35 -3.84
C GLY A 117 4.09 7.73 -2.69
N LYS A 118 3.50 7.79 -1.49
CA LYS A 118 4.06 7.06 -0.37
C LYS A 118 3.47 5.66 -0.37
N ASP A 119 4.32 4.67 -0.09
CA ASP A 119 3.92 3.28 -0.06
C ASP A 119 3.60 2.87 1.37
N GLN A 120 2.92 1.73 1.51
CA GLN A 120 2.64 1.23 2.85
C GLN A 120 3.97 0.86 3.50
N SER A 121 4.08 1.06 4.80
CA SER A 121 5.30 0.75 5.54
C SER A 121 4.97 0.52 7.01
N ALA B 1 -11.83 -1.75 -1.94
CA ALA B 1 -12.09 -1.92 -0.51
C ALA B 1 -13.58 -1.98 -0.26
N TRP B 2 -13.98 -2.56 0.86
CA TRP B 2 -15.39 -2.75 1.15
C TRP B 2 -15.64 -2.31 2.57
N LYS B 3 -16.76 -1.63 2.78
CA LYS B 3 -17.21 -1.30 4.13
C LYS B 3 -18.70 -1.64 4.23
N GLY B 4 -19.10 -2.25 5.33
CA GLY B 4 -20.50 -2.59 5.49
C GLY B 4 -20.77 -3.17 6.86
N GLU B 5 -22.02 -3.56 7.06
CA GLU B 5 -22.43 -4.10 8.35
C GLU B 5 -22.77 -5.56 8.22
N VAL B 6 -22.50 -6.29 9.29
CA VAL B 6 -22.81 -7.71 9.34
C VAL B 6 -23.79 -7.90 10.49
N LEU B 7 -25.04 -8.23 10.17
CA LEU B 7 -26.06 -8.44 11.19
C LEU B 7 -25.89 -9.78 11.91
N ALA B 8 -26.01 -9.74 13.24
CA ALA B 8 -25.85 -10.94 14.05
C ALA B 8 -26.89 -12.00 13.72
N ASN B 9 -28.05 -11.56 13.22
CA ASN B 9 -29.15 -12.49 12.96
C ASN B 9 -29.18 -12.98 11.51
N ASN B 10 -28.17 -12.60 10.73
CA ASN B 10 -28.08 -13.04 9.33
C ASN B 10 -27.36 -14.38 9.23
N GLU B 11 -28.12 -15.47 9.27
CA GLU B 11 -27.50 -16.80 9.25
C GLU B 11 -26.70 -17.07 7.98
N ALA B 12 -27.15 -16.53 6.85
CA ALA B 12 -26.49 -16.81 5.59
C ALA B 12 -25.16 -16.06 5.47
N GLY B 13 -25.03 -15.00 6.24
CA GLY B 13 -23.84 -14.16 6.21
C GLY B 13 -23.96 -13.03 5.21
N GLN B 14 -23.01 -12.10 5.30
CA GLN B 14 -22.98 -10.92 4.45
C GLN B 14 -21.90 -11.10 3.39
N VAL B 15 -22.31 -11.21 2.13
CA VAL B 15 -21.36 -11.30 1.03
C VAL B 15 -20.75 -9.93 0.78
N THR B 16 -19.42 -9.86 0.73
CA THR B 16 -18.76 -8.58 0.44
C THR B 16 -18.44 -8.47 -1.03
N SER B 17 -17.86 -7.33 -1.43
CA SER B 17 -17.44 -7.13 -2.82
C SER B 17 -16.01 -7.59 -3.05
N ILE B 18 -15.40 -8.12 -1.99
CA ILE B 18 -14.00 -8.53 -2.06
C ILE B 18 -13.88 -9.95 -2.59
N ILE B 19 -13.14 -10.10 -3.69
CA ILE B 19 -12.76 -11.42 -4.14
C ILE B 19 -11.32 -11.68 -3.76
N TYR B 20 -11.09 -12.63 -2.88
CA TYR B 20 -9.73 -12.96 -2.47
C TYR B 20 -9.06 -13.82 -3.53
N ASN B 21 -7.97 -13.31 -4.11
CA ASN B 21 -7.22 -14.04 -5.11
C ASN B 21 -5.89 -14.52 -4.54
N PRO B 22 -5.35 -15.60 -5.09
CA PRO B 22 -4.06 -16.11 -4.62
C PRO B 22 -3.01 -15.00 -4.59
N GLY B 23 -2.31 -14.89 -3.46
CA GLY B 23 -1.26 -13.90 -3.31
C GLY B 23 -1.74 -12.61 -2.63
N ASP B 24 -3.06 -12.45 -2.56
CA ASP B 24 -3.63 -11.23 -2.01
C ASP B 24 -3.25 -11.05 -0.54
N VAL B 25 -2.99 -9.83 -0.15
CA VAL B 25 -2.79 -9.48 1.25
C VAL B 25 -3.94 -8.59 1.62
N ILE B 26 -4.62 -8.91 2.72
CA ILE B 26 -5.79 -8.13 3.11
C ILE B 26 -5.73 -7.69 4.57
N THR B 27 -6.44 -6.62 4.85
CA THR B 27 -6.58 -6.16 6.21
C THR B 27 -8.06 -5.97 6.50
N ILE B 28 -8.50 -6.42 7.66
CA ILE B 28 -9.88 -6.30 8.06
C ILE B 28 -9.90 -5.64 9.43
N VAL B 29 -10.80 -4.68 9.62
CA VAL B 29 -11.05 -4.12 10.97
C VAL B 29 -12.54 -4.21 11.26
N ALA B 30 -12.90 -4.81 12.39
CA ALA B 30 -14.30 -4.99 12.74
C ALA B 30 -14.56 -4.33 14.08
N ALA B 31 -15.70 -3.65 14.19
CA ALA B 31 -16.07 -3.02 15.46
C ALA B 31 -17.56 -3.18 15.74
N GLY B 32 -17.96 -2.95 16.99
CA GLY B 32 -19.37 -2.91 17.32
C GLY B 32 -19.82 -3.90 18.37
N TRP B 33 -21.14 -3.97 18.55
CA TRP B 33 -21.71 -4.73 19.66
C TRP B 33 -22.87 -5.58 19.17
N ALA B 34 -22.88 -6.86 19.55
CA ALA B 34 -23.91 -7.78 19.09
C ALA B 34 -24.21 -8.85 20.13
N SER B 35 -25.33 -9.55 19.96
CA SER B 35 -25.68 -10.62 20.86
C SER B 35 -26.24 -11.83 20.14
N TYR B 36 -25.98 -13.00 20.72
CA TYR B 36 -26.52 -14.26 20.22
C TYR B 36 -27.79 -14.65 20.99
N GLY B 37 -28.32 -13.73 21.79
CA GLY B 37 -29.56 -14.00 22.51
C GLY B 37 -29.76 -13.15 23.76
N PRO B 38 -28.79 -13.21 24.69
CA PRO B 38 -28.89 -12.48 25.96
C PRO B 38 -29.04 -10.97 25.79
N THR B 39 -29.53 -10.32 26.83
CA THR B 39 -29.71 -8.87 26.78
C THR B 39 -28.37 -8.12 26.70
N GLN B 40 -27.30 -8.72 27.20
CA GLN B 40 -25.95 -8.15 27.05
C GLN B 40 -25.53 -8.16 25.61
N LYS B 41 -24.41 -7.48 25.36
CA LYS B 41 -23.75 -7.53 24.07
C LYS B 41 -22.23 -7.76 24.19
N TRP B 42 -21.66 -8.30 23.12
CA TRP B 42 -20.23 -8.62 23.07
C TRP B 42 -19.64 -8.03 21.80
N GLY B 43 -18.32 -7.84 21.82
CA GLY B 43 -17.59 -7.34 20.66
C GLY B 43 -17.31 -8.46 19.66
N PRO B 44 -16.54 -8.14 18.61
CA PRO B 44 -16.23 -9.05 17.50
C PRO B 44 -15.47 -10.30 17.93
N GLN B 45 -14.92 -10.35 19.13
CA GLN B 45 -14.27 -11.58 19.59
C GLN B 45 -15.28 -12.51 20.28
N GLY B 46 -16.52 -12.06 20.42
CA GLY B 46 -17.56 -12.87 21.05
C GLY B 46 -17.47 -13.01 22.56
N ASP B 47 -18.12 -14.07 23.06
CA ASP B 47 -18.27 -14.31 24.50
C ASP B 47 -17.32 -15.42 24.94
N ARG B 48 -16.22 -15.03 25.56
CA ARG B 48 -15.21 -16.00 25.99
C ARG B 48 -15.68 -16.97 27.08
N GLU B 49 -16.84 -16.73 27.67
CA GLU B 49 -17.33 -17.60 28.75
C GLU B 49 -18.43 -18.56 28.31
N HIS B 50 -18.77 -18.54 27.03
CA HIS B 50 -19.89 -19.34 26.53
C HIS B 50 -19.42 -20.63 25.88
N PRO B 51 -20.06 -21.76 26.24
CA PRO B 51 -19.65 -23.03 25.64
C PRO B 51 -19.97 -23.10 24.15
N ASP B 52 -19.25 -23.98 23.44
CA ASP B 52 -19.52 -24.21 22.03
C ASP B 52 -20.52 -25.35 21.89
N GLN B 53 -21.76 -25.03 21.53
CA GLN B 53 -22.82 -26.03 21.43
C GLN B 53 -23.16 -26.32 19.97
N GLY B 54 -22.15 -26.24 19.10
CA GLY B 54 -22.34 -26.53 17.69
C GLY B 54 -22.20 -25.30 16.80
N LEU B 55 -21.28 -24.42 17.16
CA LEU B 55 -21.01 -23.21 16.39
C LEU B 55 -20.57 -23.48 14.96
N ILE B 56 -20.84 -22.55 14.05
CA ILE B 56 -20.37 -22.68 12.68
C ILE B 56 -18.85 -22.58 12.59
N CYS B 57 -18.23 -21.97 13.59
CA CYS B 57 -16.77 -21.93 13.67
C CYS B 57 -16.31 -22.34 15.06
N HIS B 58 -15.64 -23.49 15.14
CA HIS B 58 -15.19 -24.00 16.44
C HIS B 58 -13.88 -23.36 16.91
N ASP B 59 -13.28 -22.52 16.05
CA ASP B 59 -12.03 -21.85 16.41
C ASP B 59 -12.23 -20.39 16.84
N ALA B 60 -13.47 -20.02 17.11
CA ALA B 60 -13.78 -18.70 17.65
C ALA B 60 -14.93 -18.81 18.65
N PHE B 61 -15.07 -17.84 19.53
CA PHE B 61 -16.14 -17.88 20.53
C PHE B 61 -17.49 -17.61 19.87
N CYS B 62 -18.55 -18.08 20.54
CA CYS B 62 -19.91 -17.71 20.18
C CYS B 62 -20.01 -16.19 20.18
N GLY B 63 -20.59 -15.63 19.12
CA GLY B 63 -20.74 -14.19 19.02
C GLY B 63 -19.56 -13.48 18.36
N ALA B 64 -18.55 -14.23 17.97
CA ALA B 64 -17.41 -13.67 17.23
C ALA B 64 -17.71 -13.48 15.73
N LEU B 65 -16.96 -12.59 15.10
CA LEU B 65 -17.03 -12.48 13.64
C LEU B 65 -16.12 -13.50 12.97
N VAL B 66 -16.66 -14.21 11.98
CA VAL B 66 -15.88 -15.15 11.20
C VAL B 66 -16.17 -14.92 9.74
N MET B 67 -15.44 -15.62 8.87
CA MET B 67 -15.67 -15.47 7.44
C MET B 67 -15.51 -16.78 6.70
N LYS B 68 -16.02 -16.79 5.48
CA LYS B 68 -15.68 -17.83 4.51
C LYS B 68 -15.13 -17.14 3.28
N ILE B 69 -14.15 -17.79 2.65
CA ILE B 69 -13.60 -17.32 1.39
C ILE B 69 -13.92 -18.36 0.32
N GLY B 70 -14.75 -17.97 -0.65
CA GLY B 70 -15.25 -18.92 -1.63
C GLY B 70 -15.98 -20.02 -0.89
N ASN B 71 -15.60 -21.27 -1.14
CA ASN B 71 -16.23 -22.39 -0.45
C ASN B 71 -15.36 -22.98 0.66
N SER B 72 -14.54 -22.14 1.28
CA SER B 72 -13.73 -22.59 2.40
C SER B 72 -14.61 -22.86 3.61
N GLY B 73 -14.04 -23.50 4.61
CA GLY B 73 -14.68 -23.58 5.91
C GLY B 73 -14.59 -22.22 6.59
N THR B 74 -15.19 -22.09 7.77
CA THR B 74 -15.15 -20.82 8.48
C THR B 74 -13.75 -20.51 8.98
N ILE B 75 -13.39 -19.23 8.94
CA ILE B 75 -12.10 -18.73 9.38
C ILE B 75 -12.35 -17.58 10.35
N PRO B 76 -11.72 -17.62 11.52
CA PRO B 76 -11.93 -16.55 12.51
C PRO B 76 -11.47 -15.20 11.99
N VAL B 77 -12.25 -14.16 12.23
CA VAL B 77 -11.84 -12.79 11.94
C VAL B 77 -11.68 -12.04 13.26
N ASN B 78 -12.63 -12.22 14.16
CA ASN B 78 -12.55 -11.50 15.44
C ASN B 78 -12.48 -9.99 15.22
N THR B 79 -11.54 -9.30 15.85
CA THR B 79 -11.45 -7.84 15.70
C THR B 79 -10.87 -7.44 14.34
N GLY B 80 -10.27 -8.41 13.66
CA GLY B 80 -9.72 -8.14 12.34
C GLY B 80 -8.44 -8.89 12.04
N LEU B 81 -7.88 -8.61 10.87
CA LEU B 81 -6.69 -9.27 10.36
C LEU B 81 -5.81 -8.19 9.80
N PHE B 82 -4.51 -8.27 10.11
CA PHE B 82 -3.57 -7.25 9.66
C PHE B 82 -2.63 -7.80 8.61
N ARG B 83 -2.75 -7.28 7.38
CA ARG B 83 -1.89 -7.70 6.27
C ARG B 83 -1.78 -9.22 6.23
N TRP B 84 -2.94 -9.85 6.04
CA TRP B 84 -3.11 -11.29 6.22
C TRP B 84 -3.15 -11.99 4.86
N VAL B 85 -2.50 -13.15 4.79
CA VAL B 85 -2.56 -14.00 3.59
C VAL B 85 -3.29 -15.30 3.90
N ALA B 86 -4.20 -15.70 3.01
CA ALA B 86 -5.03 -16.89 3.22
C ALA B 86 -4.22 -18.18 3.06
N PRO B 87 -4.75 -19.28 3.58
CA PRO B 87 -4.09 -20.57 3.36
C PRO B 87 -4.07 -20.92 1.87
N ASN B 88 -3.14 -21.79 1.50
CA ASN B 88 -3.05 -22.34 0.16
C ASN B 88 -4.41 -22.75 -0.39
N ASN B 89 -4.64 -22.43 -1.66
CA ASN B 89 -5.81 -22.89 -2.38
C ASN B 89 -7.13 -22.31 -1.90
N VAL B 90 -7.07 -21.37 -0.97
CA VAL B 90 -8.27 -20.69 -0.55
C VAL B 90 -8.45 -19.43 -1.38
N GLN B 91 -9.59 -19.31 -2.05
CA GLN B 91 -9.85 -18.14 -2.88
C GLN B 91 -11.33 -17.95 -3.16
N GLY B 92 -11.70 -16.76 -3.58
CA GLY B 92 -13.10 -16.46 -3.88
C GLY B 92 -13.69 -15.33 -3.05
N ALA B 93 -15.00 -15.12 -3.18
CA ALA B 93 -15.67 -14.02 -2.52
C ALA B 93 -15.61 -14.20 -1.01
N ILE B 94 -15.40 -13.08 -0.30
CA ILE B 94 -15.43 -13.09 1.15
C ILE B 94 -16.84 -12.85 1.65
N THR B 95 -17.32 -13.80 2.47
CA THR B 95 -18.58 -13.67 3.16
C THR B 95 -18.31 -13.58 4.65
N LEU B 96 -18.87 -12.56 5.29
CA LEU B 96 -18.72 -12.35 6.73
C LEU B 96 -19.92 -12.93 7.46
N ILE B 97 -19.68 -13.61 8.58
CA ILE B 97 -20.76 -14.26 9.31
C ILE B 97 -20.58 -14.16 10.83
N TYR B 98 -21.68 -13.91 11.52
CA TYR B 98 -21.72 -13.96 12.97
C TYR B 98 -21.66 -15.43 13.42
N ASN B 99 -20.82 -15.72 14.41
CA ASN B 99 -20.64 -17.09 14.87
C ASN B 99 -21.73 -17.51 15.87
N ASP B 100 -22.65 -18.35 15.43
CA ASP B 100 -23.68 -18.88 16.33
C ASP B 100 -23.99 -20.30 15.90
N VAL B 101 -24.90 -20.97 16.61
CA VAL B 101 -25.29 -22.34 16.28
C VAL B 101 -26.37 -22.29 15.20
N PRO B 102 -26.20 -23.09 14.14
CA PRO B 102 -27.19 -23.12 13.06
C PRO B 102 -28.61 -23.32 13.60
N GLY B 103 -29.56 -22.56 13.08
CA GLY B 103 -30.94 -22.68 13.53
C GLY B 103 -31.30 -21.79 14.71
N THR B 104 -30.31 -21.10 15.29
CA THR B 104 -30.56 -20.30 16.48
C THR B 104 -30.28 -18.80 16.26
N TYR B 105 -30.20 -18.37 15.00
CA TYR B 105 -29.89 -16.98 14.68
C TYR B 105 -31.07 -16.02 14.86
N GLY B 106 -32.29 -16.55 14.94
CA GLY B 106 -33.48 -15.73 14.99
C GLY B 106 -33.57 -14.76 16.17
N ASN B 107 -32.94 -15.10 17.28
CA ASN B 107 -33.02 -14.23 18.45
C ASN B 107 -31.79 -13.35 18.60
N ASN B 108 -30.95 -13.30 17.57
CA ASN B 108 -29.74 -12.48 17.62
C ASN B 108 -30.03 -11.00 17.41
N SER B 109 -29.13 -10.14 17.85
CA SER B 109 -29.35 -8.72 17.69
C SER B 109 -28.04 -7.98 17.51
N GLY B 110 -28.14 -6.77 16.99
CA GLY B 110 -26.96 -5.94 16.78
C GLY B 110 -26.19 -6.32 15.53
N SER B 111 -25.01 -5.73 15.37
CA SER B 111 -24.24 -5.92 14.14
C SER B 111 -22.80 -5.46 14.35
N PHE B 112 -21.92 -5.87 13.46
CA PHE B 112 -20.56 -5.33 13.45
C PHE B 112 -20.33 -4.50 12.19
N SER B 113 -19.64 -3.38 12.37
CA SER B 113 -19.22 -2.55 11.25
C SER B 113 -17.85 -3.06 10.82
N VAL B 114 -17.69 -3.33 9.53
CA VAL B 114 -16.47 -3.98 9.08
C VAL B 114 -15.88 -3.28 7.84
N ASN B 115 -14.58 -3.07 7.85
CA ASN B 115 -13.84 -2.60 6.67
C ASN B 115 -12.91 -3.69 6.19
N ILE B 116 -12.84 -3.88 4.87
CA ILE B 116 -11.88 -4.80 4.29
C ILE B 116 -11.17 -4.11 3.14
N GLY B 117 -9.84 -4.22 3.13
CA GLY B 117 -9.06 -3.68 2.02
C GLY B 117 -7.95 -4.61 1.58
N LYS B 118 -7.54 -4.50 0.33
CA LYS B 118 -6.37 -5.23 -0.13
C LYS B 118 -5.14 -4.34 0.09
N ASP B 119 -4.06 -4.96 0.57
CA ASP B 119 -2.84 -4.25 0.85
C ASP B 119 -1.88 -4.35 -0.31
N GLN B 120 -0.86 -3.51 -0.32
CA GLN B 120 0.11 -3.59 -1.39
C GLN B 120 0.84 -4.93 -1.22
N SER B 121 1.19 -5.55 -2.34
CA SER B 121 1.91 -6.82 -2.33
C SER B 121 2.72 -6.97 -3.60
N ALA C 1 6.16 -0.34 10.10
CA ALA C 1 5.02 -0.88 10.83
C ALA C 1 5.48 -1.35 12.21
N TRP C 2 4.52 -1.46 13.12
CA TRP C 2 4.86 -1.80 14.50
C TRP C 2 3.91 -2.86 14.98
N LYS C 3 4.46 -3.85 15.69
CA LYS C 3 3.63 -4.83 16.37
C LYS C 3 4.12 -5.01 17.79
N GLY C 4 3.19 -5.09 18.73
CA GLY C 4 3.59 -5.21 20.11
C GLY C 4 2.41 -5.39 21.02
N GLU C 5 2.69 -5.46 22.31
CA GLU C 5 1.64 -5.66 23.30
C GLU C 5 1.51 -4.43 24.16
N VAL C 6 0.27 -4.18 24.60
CA VAL C 6 -0.01 -3.07 25.48
C VAL C 6 -0.58 -3.66 26.77
N LEU C 7 0.17 -3.56 27.85
CA LEU C 7 -0.28 -4.10 29.14
C LEU C 7 -1.36 -3.24 29.78
N ALA C 8 -2.40 -3.90 30.29
CA ALA C 8 -3.51 -3.20 30.92
C ALA C 8 -3.04 -2.40 32.13
N ASN C 9 -1.97 -2.85 32.77
CA ASN C 9 -1.51 -2.21 34.02
C ASN C 9 -0.42 -1.19 33.79
N ASN C 10 -0.13 -0.90 32.53
CA ASN C 10 0.88 0.10 32.21
C ASN C 10 0.27 1.50 32.14
N GLU C 11 0.28 2.21 33.26
CA GLU C 11 -0.37 3.51 33.32
C GLU C 11 0.25 4.52 32.35
N ALA C 12 1.55 4.43 32.14
CA ALA C 12 2.24 5.41 31.31
C ALA C 12 1.94 5.19 29.83
N GLY C 13 1.56 3.96 29.50
CA GLY C 13 1.28 3.61 28.11
C GLY C 13 2.49 3.03 27.41
N GLN C 14 2.24 2.42 26.26
CA GLN C 14 3.28 1.81 25.45
C GLN C 14 3.65 2.73 24.29
N VAL C 15 4.88 3.24 24.29
CA VAL C 15 5.33 4.08 23.19
C VAL C 15 5.67 3.19 22.00
N THR C 16 5.09 3.48 20.84
CA THR C 16 5.39 2.67 19.66
C THR C 16 6.51 3.33 18.86
N SER C 17 6.92 2.68 17.77
CA SER C 17 7.96 3.21 16.89
C SER C 17 7.35 4.09 15.80
N ILE C 18 6.03 4.21 15.82
CA ILE C 18 5.33 4.97 14.80
C ILE C 18 5.30 6.45 15.12
N ILE C 19 5.84 7.27 14.22
CA ILE C 19 5.67 8.70 14.33
C ILE C 19 4.62 9.13 13.32
N TYR C 20 3.49 9.62 13.82
CA TYR C 20 2.45 10.10 12.91
C TYR C 20 2.81 11.49 12.36
N ASN C 21 2.94 11.57 11.05
CA ASN C 21 3.26 12.85 10.39
C ASN C 21 2.05 13.38 9.62
N PRO C 22 1.98 14.70 9.43
CA PRO C 22 0.84 15.26 8.71
C PRO C 22 0.63 14.58 7.36
N GLY C 23 -0.61 14.21 7.06
CA GLY C 23 -0.93 13.55 5.81
C GLY C 23 -0.90 12.03 5.89
N ASP C 24 -0.29 11.51 6.96
CA ASP C 24 -0.20 10.05 7.12
C ASP C 24 -1.57 9.38 7.20
N VAL C 25 -1.68 8.22 6.57
CA VAL C 25 -2.85 7.37 6.72
C VAL C 25 -2.36 6.14 7.44
N ILE C 26 -3.08 5.73 8.50
CA ILE C 26 -2.64 4.59 9.28
C ILE C 26 -3.77 3.61 9.50
N THR C 27 -3.38 2.36 9.70
CA THR C 27 -4.33 1.34 10.08
C THR C 27 -3.85 0.65 11.35
N ILE C 28 -4.78 0.42 12.27
CA ILE C 28 -4.47 -0.25 13.52
C ILE C 28 -5.42 -1.43 13.68
N VAL C 29 -4.89 -2.59 14.06
CA VAL C 29 -5.76 -3.70 14.51
C VAL C 29 -5.35 -4.14 15.91
N ALA C 30 -6.31 -4.23 16.83
CA ALA C 30 -6.03 -4.60 18.22
C ALA C 30 -6.86 -5.82 18.60
N ALA C 31 -6.25 -6.75 19.29
CA ALA C 31 -6.94 -7.95 19.73
C ALA C 31 -6.54 -8.34 21.14
N GLY C 32 -7.34 -9.19 21.77
CA GLY C 32 -6.94 -9.76 23.04
C GLY C 32 -7.91 -9.49 24.18
N TRP C 33 -7.48 -9.86 25.38
CA TRP C 33 -8.36 -9.84 26.54
C TRP C 33 -7.65 -9.20 27.71
N ALA C 34 -8.34 -8.31 28.42
CA ALA C 34 -7.74 -7.60 29.55
C ALA C 34 -8.78 -7.20 30.59
N SER C 35 -8.32 -6.81 31.76
CA SER C 35 -9.22 -6.38 32.82
C SER C 35 -8.71 -5.18 33.59
N TYR C 36 -9.65 -4.35 34.03
CA TYR C 36 -9.34 -3.19 34.86
C TYR C 36 -9.49 -3.53 36.34
N GLY C 37 -9.65 -4.82 36.66
CA GLY C 37 -9.78 -5.23 38.05
C GLY C 37 -10.49 -6.55 38.26
N PRO C 38 -11.73 -6.66 37.75
CA PRO C 38 -12.54 -7.86 37.96
C PRO C 38 -11.94 -9.13 37.38
N THR C 39 -12.43 -10.27 37.83
CA THR C 39 -11.89 -11.53 37.35
C THR C 39 -12.23 -11.81 35.88
N GLN C 40 -13.31 -11.20 35.38
CA GLN C 40 -13.61 -11.27 33.95
C GLN C 40 -12.60 -10.52 33.15
N LYS C 41 -12.71 -10.70 31.82
CA LYS C 41 -11.92 -9.91 30.88
C LYS C 41 -12.77 -9.35 29.74
N TRP C 42 -12.29 -8.26 29.13
CA TRP C 42 -13.00 -7.59 28.05
C TRP C 42 -12.05 -7.37 26.90
N GLY C 43 -12.61 -7.22 25.70
CA GLY C 43 -11.83 -6.93 24.51
C GLY C 43 -11.46 -5.46 24.42
N PRO C 44 -10.84 -5.06 23.29
CA PRO C 44 -10.30 -3.73 23.06
C PRO C 44 -11.35 -2.63 23.08
N GLN C 45 -12.64 -2.98 23.03
CA GLN C 45 -13.67 -1.95 23.17
C GLN C 45 -14.07 -1.72 24.64
N GLY C 46 -13.49 -2.52 25.54
CA GLY C 46 -13.76 -2.35 26.97
C GLY C 46 -15.12 -2.86 27.44
N ASP C 47 -15.56 -2.36 28.59
CA ASP C 47 -16.76 -2.83 29.27
C ASP C 47 -17.88 -1.81 29.12
N ARG C 48 -18.82 -2.11 28.23
CA ARG C 48 -19.91 -1.18 27.91
C ARG C 48 -20.90 -0.97 29.07
N GLU C 49 -20.79 -1.77 30.12
CA GLU C 49 -21.70 -1.62 31.25
C GLU C 49 -21.10 -0.87 32.45
N HIS C 50 -19.86 -0.44 32.33
CA HIS C 50 -19.15 0.16 33.46
C HIS C 50 -19.18 1.69 33.42
N PRO C 51 -19.53 2.34 34.54
CA PRO C 51 -19.58 3.79 34.55
C PRO C 51 -18.20 4.41 34.43
N ASP C 52 -18.16 5.63 33.92
CA ASP C 52 -16.94 6.40 33.80
C ASP C 52 -16.69 7.13 35.12
N GLN C 53 -15.68 6.70 35.85
CA GLN C 53 -15.38 7.28 37.15
C GLN C 53 -14.08 8.09 37.11
N GLY C 54 -13.80 8.70 35.96
CA GLY C 54 -12.63 9.53 35.77
C GLY C 54 -11.60 8.91 34.84
N LEU C 55 -12.09 8.26 33.77
CA LEU C 55 -11.22 7.63 32.78
C LEU C 55 -10.28 8.63 32.09
N ILE C 56 -9.10 8.15 31.70
CA ILE C 56 -8.21 8.98 30.87
C ILE C 56 -8.83 9.33 29.51
N CYS C 57 -9.80 8.56 29.06
CA CYS C 57 -10.50 8.88 27.83
C CYS C 57 -11.99 8.74 28.04
N HIS C 58 -12.71 9.86 27.98
CA HIS C 58 -14.14 9.84 28.23
C HIS C 58 -14.96 9.43 27.01
N ASP C 59 -14.30 9.27 25.87
CA ASP C 59 -14.96 8.87 24.62
C ASP C 59 -14.82 7.37 24.33
N ALA C 60 -14.37 6.61 25.31
CA ALA C 60 -14.29 5.15 25.19
C ALA C 60 -14.62 4.52 26.53
N PHE C 61 -15.03 3.25 26.51
CA PHE C 61 -15.38 2.54 27.73
C PHE C 61 -14.14 2.25 28.58
N CYS C 62 -14.36 2.07 29.87
CA CYS C 62 -13.32 1.56 30.76
C CYS C 62 -12.83 0.21 30.21
N GLY C 63 -11.52 0.04 30.13
CA GLY C 63 -10.96 -1.19 29.58
C GLY C 63 -10.75 -1.18 28.07
N ALA C 64 -11.09 -0.08 27.40
CA ALA C 64 -10.83 0.04 25.96
C ALA C 64 -9.38 0.47 25.67
N LEU C 65 -8.94 0.18 24.45
CA LEU C 65 -7.65 0.68 23.98
C LEU C 65 -7.80 2.10 23.45
N VAL C 66 -6.92 3.01 23.91
CA VAL C 66 -6.89 4.37 23.39
C VAL C 66 -5.43 4.73 23.05
N MET C 67 -5.25 5.90 22.47
CA MET C 67 -3.90 6.34 22.14
C MET C 67 -3.72 7.83 22.35
N LYS C 68 -2.46 8.25 22.38
CA LYS C 68 -2.10 9.65 22.22
C LYS C 68 -1.12 9.73 21.07
N ILE C 69 -1.22 10.83 20.33
CA ILE C 69 -0.28 11.11 19.25
C ILE C 69 0.47 12.39 19.63
N GLY C 70 1.77 12.27 19.85
CA GLY C 70 2.54 13.38 20.38
C GLY C 70 1.93 13.79 21.71
N ASN C 71 1.65 15.08 21.86
CA ASN C 71 1.02 15.56 23.09
C ASN C 71 -0.48 15.81 22.95
N SER C 72 -1.13 15.07 22.07
CA SER C 72 -2.59 15.17 21.93
C SER C 72 -3.28 14.64 23.19
N GLY C 73 -4.57 14.91 23.30
CA GLY C 73 -5.39 14.23 24.30
C GLY C 73 -5.61 12.80 23.85
N THR C 74 -6.30 12.01 24.66
CA THR C 74 -6.55 10.62 24.32
C THR C 74 -7.53 10.50 23.15
N ILE C 75 -7.26 9.54 22.26
CA ILE C 75 -8.11 9.25 21.12
C ILE C 75 -8.47 7.77 21.15
N PRO C 76 -9.77 7.46 21.01
CA PRO C 76 -10.21 6.05 21.05
C PRO C 76 -9.62 5.24 19.90
N VAL C 77 -9.14 4.03 20.20
CA VAL C 77 -8.68 3.11 19.18
C VAL C 77 -9.66 1.93 19.12
N ASN C 78 -10.05 1.43 20.29
CA ASN C 78 -10.95 0.27 20.34
C ASN C 78 -10.36 -0.91 19.56
N THR C 79 -11.12 -1.52 18.66
CA THR C 79 -10.62 -2.67 17.92
C THR C 79 -9.63 -2.26 16.82
N GLY C 80 -9.61 -0.98 16.50
CA GLY C 80 -8.67 -0.48 15.51
C GLY C 80 -9.20 0.65 14.65
N LEU C 81 -8.37 1.07 13.71
CA LEU C 81 -8.70 2.17 12.83
C LEU C 81 -8.32 1.73 11.43
N PHE C 82 -9.17 2.04 10.47
CA PHE C 82 -8.93 1.61 9.09
C PHE C 82 -8.63 2.79 8.18
N ARG C 83 -7.39 2.85 7.70
CA ARG C 83 -6.97 3.91 6.79
C ARG C 83 -7.40 5.27 7.32
N TRP C 84 -6.94 5.57 8.53
CA TRP C 84 -7.42 6.69 9.33
C TRP C 84 -6.44 7.87 9.22
N VAL C 85 -7.00 9.08 9.17
CA VAL C 85 -6.21 10.30 9.18
C VAL C 85 -6.50 11.09 10.45
N ALA C 86 -5.44 11.58 11.09
CA ALA C 86 -5.58 12.29 12.37
C ALA C 86 -6.18 13.68 12.19
N PRO C 87 -6.72 14.24 13.28
CA PRO C 87 -7.20 15.62 13.19
C PRO C 87 -6.05 16.58 12.85
N ASN C 88 -6.43 17.75 12.34
CA ASN C 88 -5.49 18.83 12.07
C ASN C 88 -4.51 19.07 13.22
N ASN C 89 -3.25 19.27 12.87
CA ASN C 89 -2.22 19.66 13.83
C ASN C 89 -1.89 18.58 14.86
N VAL C 90 -2.43 17.39 14.69
CA VAL C 90 -2.04 16.30 15.55
C VAL C 90 -0.90 15.52 14.90
N GLN C 91 0.21 15.38 15.61
CA GLN C 91 1.37 14.69 15.08
C GLN C 91 2.32 14.26 16.18
N GLY C 92 3.18 13.30 15.87
CA GLY C 92 4.16 12.81 16.82
C GLY C 92 4.05 11.31 17.09
N ALA C 93 4.84 10.84 18.06
CA ALA C 93 4.89 9.42 18.38
C ALA C 93 3.52 8.92 18.87
N ILE C 94 3.17 7.72 18.46
CA ILE C 94 1.94 7.10 18.94
C ILE C 94 2.20 6.30 20.21
N THR C 95 1.49 6.67 21.27
CA THR C 95 1.52 5.93 22.51
C THR C 95 0.18 5.23 22.71
N LEU C 96 0.21 3.94 22.96
CA LEU C 96 -1.00 3.16 23.20
C LEU C 96 -1.24 3.01 24.68
N ILE C 97 -2.49 3.16 25.11
CA ILE C 97 -2.81 3.10 26.53
C ILE C 97 -4.12 2.39 26.82
N TYR C 98 -4.14 1.61 27.89
CA TYR C 98 -5.35 0.99 28.38
C TYR C 98 -6.18 2.08 29.09
N ASN C 99 -7.48 2.13 28.81
CA ASN C 99 -8.35 3.15 29.38
C ASN C 99 -8.80 2.78 30.80
N ASP C 100 -8.24 3.45 31.80
CA ASP C 100 -8.68 3.22 33.18
C ASP C 100 -8.58 4.56 33.93
N VAL C 101 -8.94 4.56 35.21
CA VAL C 101 -8.89 5.76 36.04
C VAL C 101 -7.49 5.90 36.59
N PRO C 102 -6.89 7.10 36.46
CA PRO C 102 -5.54 7.34 36.97
C PRO C 102 -5.41 6.91 38.43
N GLY C 103 -4.31 6.23 38.76
CA GLY C 103 -4.09 5.77 40.11
C GLY C 103 -4.69 4.40 40.41
N THR C 104 -5.41 3.82 39.44
CA THR C 104 -6.07 2.52 39.68
C THR C 104 -5.57 1.41 38.75
N TYR C 105 -4.43 1.60 38.10
CA TYR C 105 -3.91 0.65 37.13
C TYR C 105 -3.24 -0.58 37.78
N GLY C 106 -2.91 -0.48 39.06
CA GLY C 106 -2.16 -1.52 39.72
C GLY C 106 -2.82 -2.90 39.77
N ASN C 107 -4.15 -2.93 39.75
CA ASN C 107 -4.86 -4.20 39.81
C ASN C 107 -5.30 -4.69 38.43
N ASN C 108 -4.81 -4.05 37.38
CA ASN C 108 -5.15 -4.45 36.00
C ASN C 108 -4.43 -5.71 35.55
N SER C 109 -4.97 -6.39 34.56
CA SER C 109 -4.32 -7.61 34.09
C SER C 109 -4.58 -7.82 32.60
N GLY C 110 -3.72 -8.65 32.00
CA GLY C 110 -3.86 -8.96 30.59
C GLY C 110 -3.26 -7.88 29.72
N SER C 111 -3.49 -8.00 28.43
CA SER C 111 -2.88 -7.07 27.47
C SER C 111 -3.59 -7.17 26.14
N PHE C 112 -3.38 -6.19 25.27
CA PHE C 112 -3.83 -6.29 23.88
C PHE C 112 -2.65 -6.43 22.94
N SER C 113 -2.81 -7.28 21.92
CA SER C 113 -1.83 -7.39 20.86
C SER C 113 -2.23 -6.37 19.79
N VAL C 114 -1.30 -5.55 19.34
CA VAL C 114 -1.65 -4.46 18.47
C VAL C 114 -0.69 -4.36 17.28
N ASN C 115 -1.24 -4.20 16.08
CA ASN C 115 -0.46 -3.90 14.88
C ASN C 115 -0.77 -2.50 14.39
N ILE C 116 0.26 -1.76 13.97
CA ILE C 116 0.06 -0.45 13.37
C ILE C 116 0.90 -0.36 12.12
N GLY C 117 0.28 0.09 11.02
CA GLY C 117 1.04 0.35 9.82
C GLY C 117 0.62 1.65 9.15
N LYS C 118 1.51 2.22 8.35
CA LYS C 118 1.14 3.35 7.52
C LYS C 118 0.66 2.82 6.16
N ASP C 119 -0.41 3.42 5.66
CA ASP C 119 -1.01 3.01 4.40
C ASP C 119 -0.48 3.87 3.27
N GLN C 120 -0.72 3.44 2.05
CA GLN C 120 -0.29 4.23 0.91
C GLN C 120 -1.14 5.51 0.90
N SER C 121 -0.54 6.62 0.47
CA SER C 121 -1.22 7.91 0.44
C SER C 121 -0.54 8.82 -0.57
N ALA D 1 5.32 -9.08 -5.19
CA ALA D 1 6.02 -8.16 -6.11
C ALA D 1 7.07 -8.92 -6.89
N TRP D 2 7.46 -8.39 -8.04
CA TRP D 2 8.38 -9.09 -8.92
C TRP D 2 9.45 -8.12 -9.37
N LYS D 3 10.69 -8.59 -9.40
CA LYS D 3 11.79 -7.83 -9.96
C LYS D 3 12.59 -8.73 -10.88
N GLY D 4 12.96 -8.22 -12.05
CA GLY D 4 13.73 -9.02 -12.97
C GLY D 4 14.17 -8.21 -14.18
N GLU D 5 14.79 -8.90 -15.13
CA GLU D 5 15.33 -8.26 -16.32
C GLU D 5 14.55 -8.73 -17.53
N VAL D 6 14.39 -7.84 -18.49
CA VAL D 6 13.75 -8.17 -19.74
C VAL D 6 14.78 -7.96 -20.84
N LEU D 7 15.22 -9.05 -21.47
CA LEU D 7 16.22 -8.94 -22.53
C LEU D 7 15.63 -8.45 -23.85
N ALA D 8 16.32 -7.50 -24.49
CA ALA D 8 15.86 -6.91 -25.73
C ALA D 8 15.73 -7.97 -26.83
N ASN D 9 16.55 -9.00 -26.76
CA ASN D 9 16.54 -10.03 -27.80
C ASN D 9 15.63 -11.22 -27.51
N ASN D 10 14.84 -11.12 -26.44
CA ASN D 10 13.90 -12.18 -26.07
C ASN D 10 12.56 -11.97 -26.77
N GLU D 11 12.38 -12.58 -27.94
CA GLU D 11 11.17 -12.35 -28.72
C GLU D 11 9.91 -12.84 -27.99
N ALA D 12 10.04 -13.92 -27.23
CA ALA D 12 8.86 -14.50 -26.57
C ALA D 12 8.41 -13.67 -25.37
N GLY D 13 9.34 -12.88 -24.84
CA GLY D 13 9.03 -12.04 -23.69
C GLY D 13 9.39 -12.71 -22.38
N GLN D 14 9.38 -11.92 -21.31
CA GLN D 14 9.72 -12.42 -19.98
C GLN D 14 8.44 -12.57 -19.17
N VAL D 15 8.07 -13.81 -18.84
CA VAL D 15 6.91 -14.05 -18.01
C VAL D 15 7.27 -13.69 -16.56
N THR D 16 6.42 -12.90 -15.92
CA THR D 16 6.66 -12.52 -14.53
C THR D 16 5.86 -13.43 -13.59
N SER D 17 6.01 -13.21 -12.28
CA SER D 17 5.26 -13.98 -11.30
C SER D 17 3.94 -13.29 -10.97
N ILE D 18 3.69 -12.15 -11.62
CA ILE D 18 2.50 -11.37 -11.35
C ILE D 18 1.29 -11.88 -12.14
N ILE D 19 0.23 -12.27 -11.43
CA ILE D 19 -1.03 -12.54 -12.09
C ILE D 19 -1.94 -11.36 -11.84
N TYR D 20 -2.31 -10.66 -12.91
CA TYR D 20 -3.21 -9.52 -12.78
C TYR D 20 -4.66 -10.01 -12.66
N ASN D 21 -5.30 -9.68 -11.53
CA ASN D 21 -6.68 -10.07 -11.29
C ASN D 21 -7.60 -8.86 -11.35
N PRO D 22 -8.87 -9.07 -11.72
CA PRO D 22 -9.81 -7.95 -11.81
C PRO D 22 -9.80 -7.11 -10.53
N GLY D 23 -9.70 -5.79 -10.69
CA GLY D 23 -9.68 -4.88 -9.55
C GLY D 23 -8.28 -4.55 -9.07
N ASP D 24 -7.29 -5.31 -9.53
CA ASP D 24 -5.91 -5.09 -9.10
C ASP D 24 -5.41 -3.71 -9.52
N VAL D 25 -4.63 -3.08 -8.63
CA VAL D 25 -3.94 -1.85 -8.95
C VAL D 25 -2.46 -2.19 -8.93
N ILE D 26 -1.74 -1.81 -9.97
CA ILE D 26 -0.32 -2.18 -10.03
C ILE D 26 0.55 -0.99 -10.36
N THR D 27 1.79 -1.09 -9.95
CA THR D 27 2.79 -0.08 -10.30
C THR D 27 3.99 -0.78 -10.90
N ILE D 28 4.50 -0.21 -11.97
CA ILE D 28 5.67 -0.76 -12.66
C ILE D 28 6.69 0.36 -12.81
N VAL D 29 7.95 0.05 -12.53
CA VAL D 29 9.05 0.97 -12.83
C VAL D 29 10.10 0.23 -13.64
N ALA D 30 10.47 0.78 -14.79
CA ALA D 30 11.43 0.15 -15.69
C ALA D 30 12.59 1.10 -15.94
N ALA D 31 13.80 0.56 -15.93
CA ALA D 31 14.99 1.35 -16.17
C ALA D 31 15.99 0.59 -17.05
N GLY D 32 16.93 1.32 -17.64
CA GLY D 32 18.03 0.69 -18.33
C GLY D 32 18.18 1.07 -19.80
N TRP D 33 19.06 0.36 -20.48
CA TRP D 33 19.46 0.72 -21.83
C TRP D 33 19.45 -0.49 -22.75
N ALA D 34 18.88 -0.35 -23.93
CA ALA D 34 18.79 -1.47 -24.87
C ALA D 34 18.77 -1.00 -26.32
N SER D 35 18.97 -1.93 -27.24
CA SER D 35 18.95 -1.59 -28.66
C SER D 35 18.25 -2.65 -29.49
N TYR D 36 17.60 -2.18 -30.56
CA TYR D 36 16.95 -3.05 -31.52
C TYR D 36 17.88 -3.34 -32.69
N GLY D 37 19.16 -2.98 -32.56
CA GLY D 37 20.11 -3.23 -33.64
C GLY D 37 21.30 -2.30 -33.68
N PRO D 38 21.04 -0.98 -33.73
CA PRO D 38 22.14 0.00 -33.83
C PRO D 38 23.07 -0.02 -32.64
N THR D 39 24.25 0.57 -32.83
CA THR D 39 25.24 0.57 -31.76
C THR D 39 24.80 1.46 -30.58
N GLN D 40 23.95 2.46 -30.83
CA GLN D 40 23.37 3.27 -29.75
C GLN D 40 22.46 2.42 -28.91
N LYS D 41 22.04 3.01 -27.79
CA LYS D 41 21.01 2.43 -26.94
C LYS D 41 19.94 3.46 -26.54
N TRP D 42 18.76 2.97 -26.22
CA TRP D 42 17.62 3.79 -25.85
C TRP D 42 17.02 3.28 -24.55
N GLY D 43 16.30 4.16 -23.86
CA GLY D 43 15.62 3.81 -22.62
C GLY D 43 14.31 3.11 -22.90
N PRO D 44 13.54 2.85 -21.84
CA PRO D 44 12.28 2.09 -21.88
C PRO D 44 11.20 2.72 -22.75
N GLN D 45 11.36 3.97 -23.14
CA GLN D 45 10.38 4.59 -24.04
C GLN D 45 10.77 4.36 -25.51
N GLY D 46 11.93 3.75 -25.73
CA GLY D 46 12.37 3.43 -27.09
C GLY D 46 12.88 4.62 -27.89
N ASP D 47 12.87 4.49 -29.22
CA ASP D 47 13.47 5.46 -30.13
C ASP D 47 12.38 6.24 -30.84
N ARG D 48 12.19 7.48 -30.42
CA ARG D 48 11.10 8.32 -30.92
C ARG D 48 11.29 8.75 -32.38
N GLU D 49 12.46 8.48 -32.94
CA GLU D 49 12.72 8.89 -34.33
C GLU D 49 12.63 7.73 -35.34
N HIS D 50 12.30 6.54 -34.84
CA HIS D 50 12.33 5.36 -35.70
C HIS D 50 10.93 4.99 -36.19
N PRO D 51 10.79 4.74 -37.50
CA PRO D 51 9.48 4.39 -38.03
C PRO D 51 9.01 3.03 -37.55
N ASP D 52 7.69 2.84 -37.53
CA ASP D 52 7.08 1.55 -37.17
C ASP D 52 7.02 0.68 -38.43
N GLN D 53 7.83 -0.36 -38.47
CA GLN D 53 7.89 -1.23 -39.64
C GLN D 53 7.29 -2.60 -39.32
N GLY D 54 6.27 -2.60 -38.47
CA GLY D 54 5.57 -3.83 -38.10
C GLY D 54 5.83 -4.26 -36.67
N LEU D 55 5.90 -3.29 -35.77
CA LEU D 55 6.13 -3.55 -34.35
C LEU D 55 5.04 -4.42 -33.71
N ILE D 56 5.42 -5.18 -32.67
CA ILE D 56 4.40 -5.93 -31.91
C ILE D 56 3.45 -5.01 -31.16
N CYS D 57 3.86 -3.76 -30.92
CA CYS D 57 2.97 -2.79 -30.31
C CYS D 57 3.02 -1.49 -31.07
N HIS D 58 1.91 -1.11 -31.71
CA HIS D 58 1.90 0.08 -32.55
C HIS D 58 1.67 1.34 -31.75
N ASP D 59 1.41 1.20 -30.44
CA ASP D 59 1.16 2.34 -29.56
C ASP D 59 2.39 2.71 -28.71
N ALA D 60 3.55 2.18 -29.07
CA ALA D 60 4.81 2.55 -28.44
C ALA D 60 5.91 2.53 -29.48
N PHE D 61 7.01 3.23 -29.19
CA PHE D 61 8.11 3.33 -30.14
C PHE D 61 8.87 2.01 -30.19
N CYS D 62 9.58 1.81 -31.31
CA CYS D 62 10.51 0.71 -31.43
C CYS D 62 11.53 0.81 -30.29
N GLY D 63 11.76 -0.30 -29.58
CA GLY D 63 12.68 -0.30 -28.47
C GLY D 63 12.07 0.05 -27.13
N ALA D 64 10.75 0.30 -27.10
CA ALA D 64 10.05 0.52 -25.83
C ALA D 64 9.71 -0.78 -25.11
N LEU D 65 9.47 -0.69 -23.81
CA LEU D 65 8.95 -1.82 -23.05
C LEU D 65 7.45 -1.88 -23.15
N VAL D 66 6.92 -3.05 -23.49
CA VAL D 66 5.48 -3.27 -23.51
C VAL D 66 5.17 -4.54 -22.73
N MET D 67 3.88 -4.83 -22.58
CA MET D 67 3.48 -6.05 -21.88
C MET D 67 2.25 -6.69 -22.50
N LYS D 68 2.02 -7.94 -22.12
CA LYS D 68 0.74 -8.59 -22.34
C LYS D 68 0.25 -9.07 -21.00
N ILE D 69 -1.05 -9.02 -20.80
CA ILE D 69 -1.67 -9.56 -19.60
C ILE D 69 -2.58 -10.70 -20.04
N GLY D 70 -2.25 -11.92 -19.62
CA GLY D 70 -2.93 -13.10 -20.11
C GLY D 70 -2.82 -13.14 -21.62
N ASN D 71 -3.95 -13.25 -22.31
CA ASN D 71 -3.92 -13.25 -23.77
C ASN D 71 -4.35 -11.92 -24.39
N SER D 72 -4.12 -10.83 -23.67
CA SER D 72 -4.41 -9.50 -24.20
C SER D 72 -3.46 -9.19 -25.36
N GLY D 73 -3.77 -8.13 -26.10
CA GLY D 73 -2.82 -7.59 -27.05
C GLY D 73 -1.76 -6.83 -26.28
N THR D 74 -0.77 -6.29 -26.97
CA THR D 74 0.30 -5.56 -26.31
C THR D 74 -0.20 -4.26 -25.73
N ILE D 75 0.32 -3.92 -24.55
CA ILE D 75 0.01 -2.68 -23.84
C ILE D 75 1.31 -1.96 -23.50
N PRO D 76 1.41 -0.67 -23.84
CA PRO D 76 2.65 0.07 -23.57
C PRO D 76 2.94 0.14 -22.08
N VAL D 77 4.20 -0.05 -21.70
CA VAL D 77 4.64 0.15 -20.33
C VAL D 77 5.58 1.35 -20.28
N ASN D 78 6.51 1.42 -21.24
CA ASN D 78 7.46 2.52 -21.28
C ASN D 78 8.26 2.60 -19.96
N THR D 79 8.36 3.76 -19.36
CA THR D 79 9.12 3.87 -18.11
C THR D 79 8.38 3.25 -16.92
N GLY D 80 7.10 3.00 -17.08
CA GLY D 80 6.32 2.38 -16.02
C GLY D 80 4.88 2.86 -15.94
N LEU D 81 4.19 2.35 -14.92
CA LEU D 81 2.78 2.65 -14.74
C LEU D 81 2.60 2.91 -13.25
N PHE D 82 1.85 3.95 -12.92
CA PHE D 82 1.66 4.32 -11.53
C PHE D 82 0.24 4.05 -11.06
N ARG D 83 0.10 3.09 -10.15
CA ARG D 83 -1.20 2.76 -9.58
C ARG D 83 -2.24 2.60 -10.68
N TRP D 84 -1.94 1.67 -11.59
CA TRP D 84 -2.64 1.50 -12.85
C TRP D 84 -3.65 0.36 -12.76
N VAL D 85 -4.82 0.56 -13.36
CA VAL D 85 -5.84 -0.47 -13.46
C VAL D 85 -6.03 -0.88 -14.92
N ALA D 86 -6.10 -2.19 -15.18
CA ALA D 86 -6.21 -2.70 -16.55
C ALA D 86 -7.59 -2.47 -17.14
N PRO D 87 -7.68 -2.52 -18.47
CA PRO D 87 -9.01 -2.42 -19.08
C PRO D 87 -9.90 -3.58 -18.64
N ASN D 88 -11.20 -3.38 -18.78
CA ASN D 88 -12.19 -4.40 -18.51
C ASN D 88 -11.83 -5.75 -19.14
N ASN D 89 -12.02 -6.82 -18.39
CA ASN D 89 -11.87 -8.18 -18.90
C ASN D 89 -10.44 -8.57 -19.23
N VAL D 90 -9.48 -7.70 -18.90
CA VAL D 90 -8.08 -8.06 -19.08
C VAL D 90 -7.56 -8.66 -17.78
N GLN D 91 -7.03 -9.87 -17.86
CA GLN D 91 -6.52 -10.54 -16.66
C GLN D 91 -5.57 -11.67 -17.01
N GLY D 92 -4.74 -12.06 -16.04
CA GLY D 92 -3.81 -13.15 -16.24
C GLY D 92 -2.36 -12.76 -15.99
N ALA D 93 -1.45 -13.67 -16.29
CA ALA D 93 -0.03 -13.47 -16.05
C ALA D 93 0.49 -12.29 -16.88
N ILE D 94 1.35 -11.49 -16.26
CA ILE D 94 2.00 -10.39 -16.97
C ILE D 94 3.28 -10.86 -17.62
N THR D 95 3.36 -10.68 -18.94
CA THR D 95 4.57 -10.93 -19.69
C THR D 95 5.13 -9.60 -20.20
N LEU D 96 6.41 -9.37 -19.96
CA LEU D 96 7.07 -8.14 -20.39
C LEU D 96 7.82 -8.43 -21.68
N ILE D 97 7.76 -7.48 -22.62
CA ILE D 97 8.38 -7.70 -23.93
C ILE D 97 8.99 -6.42 -24.48
N TYR D 98 10.16 -6.57 -25.10
CA TYR D 98 10.81 -5.49 -25.85
C TYR D 98 10.05 -5.29 -27.16
N ASN D 99 9.74 -4.05 -27.51
CA ASN D 99 9.00 -3.74 -28.71
C ASN D 99 9.90 -3.72 -29.94
N ASP D 100 9.79 -4.75 -30.78
CA ASP D 100 10.53 -4.77 -32.04
C ASP D 100 9.66 -5.49 -33.08
N VAL D 101 10.16 -5.59 -34.30
CA VAL D 101 9.44 -6.26 -35.38
C VAL D 101 9.68 -7.76 -35.30
N PRO D 102 8.61 -8.56 -35.38
CA PRO D 102 8.76 -10.03 -35.30
C PRO D 102 9.80 -10.52 -36.31
N GLY D 103 10.66 -11.45 -35.88
CA GLY D 103 11.68 -11.99 -36.75
C GLY D 103 12.97 -11.20 -36.77
N THR D 104 13.01 -10.05 -36.09
CA THR D 104 14.20 -9.20 -36.12
C THR D 104 14.85 -9.03 -34.74
N TYR D 105 14.50 -9.88 -33.78
CA TYR D 105 15.02 -9.74 -32.41
C TYR D 105 16.46 -10.24 -32.25
N GLY D 106 16.94 -11.01 -33.22
CA GLY D 106 18.26 -11.63 -33.11
C GLY D 106 19.44 -10.68 -32.96
N ASN D 107 19.32 -9.46 -33.45
CA ASN D 107 20.41 -8.52 -33.37
C ASN D 107 20.24 -7.51 -32.23
N ASN D 108 19.26 -7.74 -31.37
CA ASN D 108 18.99 -6.85 -30.23
C ASN D 108 20.01 -7.02 -29.11
N SER D 109 20.11 -6.02 -28.26
CA SER D 109 21.08 -6.08 -27.17
C SER D 109 20.63 -5.28 -25.96
N GLY D 110 21.22 -5.58 -24.81
CA GLY D 110 20.86 -4.90 -23.57
C GLY D 110 19.56 -5.43 -22.99
N SER D 111 19.08 -4.76 -21.97
CA SER D 111 17.92 -5.23 -21.21
C SER D 111 17.37 -4.10 -20.36
N PHE D 112 16.14 -4.25 -19.88
CA PHE D 112 15.58 -3.33 -18.89
C PHE D 112 15.40 -4.04 -17.57
N SER D 113 15.71 -3.34 -16.48
CA SER D 113 15.46 -3.81 -15.13
C SER D 113 14.07 -3.32 -14.76
N VAL D 114 13.22 -4.25 -14.31
CA VAL D 114 11.82 -3.90 -14.08
C VAL D 114 11.34 -4.38 -12.72
N ASN D 115 10.63 -3.51 -12.01
CA ASN D 115 9.90 -3.89 -10.78
C ASN D 115 8.41 -3.81 -11.02
N ILE D 116 7.66 -4.79 -10.49
CA ILE D 116 6.22 -4.73 -10.53
C ILE D 116 5.66 -5.07 -9.16
N GLY D 117 4.75 -4.25 -8.68
CA GLY D 117 4.08 -4.55 -7.43
C GLY D 117 2.59 -4.31 -7.49
N LYS D 118 1.84 -4.97 -6.62
CA LYS D 118 0.43 -4.65 -6.48
C LYS D 118 0.26 -3.60 -5.39
N ASP D 119 -0.60 -2.63 -5.65
CA ASP D 119 -0.83 -1.55 -4.72
C ASP D 119 -2.04 -1.84 -3.86
N GLN D 120 -2.19 -1.07 -2.77
CA GLN D 120 -3.33 -1.28 -1.92
C GLN D 120 -4.57 -0.87 -2.72
N SER D 121 -5.68 -1.58 -2.51
CA SER D 121 -6.93 -1.27 -3.21
C SER D 121 -8.12 -1.73 -2.39
N TRP E 1 29.72 19.08 -28.66
CA TRP E 1 30.71 18.35 -29.44
C TRP E 1 32.11 18.74 -28.97
N ARG E 2 32.91 17.75 -28.60
CA ARG E 2 34.28 17.99 -28.15
C ARG E 2 35.28 17.32 -29.09
N ILE E 3 36.41 17.99 -29.31
N TRP F 1 17.07 3.09 -42.22
CA TRP F 1 17.46 4.11 -43.20
C TRP F 1 16.55 5.33 -43.18
N ARG F 2 15.25 5.10 -43.30
CA ARG F 2 14.28 6.20 -43.34
C ARG F 2 14.02 6.74 -41.94
N ILE F 3 13.67 8.02 -41.86
CA ILE F 3 13.27 8.65 -40.61
C ILE F 3 14.08 8.12 -39.42
N TRP G 1 -26.91 -21.00 30.32
CA TRP G 1 -26.33 -21.48 31.56
C TRP G 1 -26.45 -22.99 31.58
N ARG G 2 -25.36 -23.66 31.95
CA ARG G 2 -25.38 -25.11 32.07
C ARG G 2 -24.39 -25.56 33.14
N ILE G 3 -24.57 -26.78 33.59
CA ILE G 3 -23.59 -27.43 34.45
C ILE G 3 -23.08 -28.62 33.66
N ALA G 4 -21.76 -28.68 33.46
N TRP H 1 -19.95 -0.80 40.23
C1 GAL I . 24.89 22.04 -24.50
C2 GAL I . 23.68 22.97 -24.32
C3 GAL I . 23.94 23.84 -23.08
C4 GAL I . 24.18 22.94 -21.86
C5 GAL I . 25.33 21.95 -22.15
C6 GAL I . 25.52 20.90 -21.04
O2 GAL I . 23.54 23.81 -25.46
O3 GAL I . 22.78 24.64 -22.86
O4 GAL I . 22.96 22.26 -21.54
O5 GAL I . 25.12 21.24 -23.37
O6 GAL I . 26.73 20.20 -21.23
CA CA J . 20.89 23.68 -21.64
C1 GAL K . -28.22 -19.22 23.61
C2 GAL K . -29.09 -18.43 22.60
C3 GAL K . -29.35 -19.35 21.40
C4 GAL K . -28.00 -19.82 20.82
C5 GAL K . -27.10 -20.46 21.91
C6 GAL K . -25.66 -20.76 21.45
O2 GAL K . -30.35 -18.10 23.21
O3 GAL K . -30.12 -18.63 20.44
O4 GAL K . -27.37 -18.73 20.15
O5 GAL K . -26.99 -19.60 23.04
O6 GAL K . -24.95 -21.51 22.43
CA CA L . -28.86 -17.14 19.01
C1 GAL M . -12.85 -0.94 39.51
C2 GAL M . -11.37 -1.39 39.67
C3 GAL M . -10.50 -0.15 39.81
C4 GAL M . -10.73 0.85 38.66
C5 GAL M . -12.24 1.20 38.59
C6 GAL M . -12.55 2.08 37.37
O2 GAL M . -11.20 -2.15 40.86
O3 GAL M . -9.13 -0.54 39.93
O4 GAL M . -10.28 0.32 37.40
O5 GAL M . -13.02 -0.01 38.48
O6 GAL M . -13.93 2.40 37.32
CA CA N . -8.01 -0.87 37.71
C1 GAL O . 16.47 -2.12 -37.79
C2 GAL O . 17.11 -3.37 -37.13
C3 GAL O . 16.13 -4.54 -37.24
C4 GAL O . 14.74 -4.17 -36.68
C5 GAL O . 14.23 -2.89 -37.39
C6 GAL O . 12.90 -2.42 -36.78
O2 GAL O . 18.29 -3.77 -37.81
O3 GAL O . 16.68 -5.64 -36.55
O4 GAL O . 14.78 -4.00 -35.26
O5 GAL O . 15.21 -1.85 -37.25
O6 GAL O . 12.40 -1.31 -37.51
CA CA P . 16.14 -5.84 -34.13
C1' PHB Q . 28.70 18.44 -28.39
O1' PHB Q . 28.39 17.38 -28.94
C1 PHB Q . 27.64 19.20 -27.65
C2 PHB Q . 27.96 20.06 -26.57
C3 PHB Q . 26.92 20.75 -25.90
C4 PHB Q . 25.57 20.57 -26.31
C5 PHB Q . 25.27 19.71 -27.39
C6 PHB Q . 26.30 19.02 -28.05
O4 PHB Q . 24.62 21.27 -25.62
C1' PHB R . 17.51 3.52 -41.03
O1' PHB R . 18.46 4.30 -40.98
C1 PHB R . 17.47 2.32 -40.12
C2 PHB R . 16.70 1.18 -40.44
C3 PHB R . 16.67 0.05 -39.58
C4 PHB R . 17.42 0.06 -38.38
C5 PHB R . 18.19 1.21 -38.06
C6 PHB R . 18.22 2.32 -38.92
O4 PHB R . 17.35 -1.06 -37.60
C1' PHB S . -26.16 -20.05 29.78
O1' PHB S . -25.53 -19.25 30.47
C1 PHB S . -26.67 -19.63 28.44
C2 PHB S . -26.80 -18.25 28.16
C3 PHB S . -27.24 -17.82 26.92
C4 PHB S . -27.56 -18.75 25.91
C5 PHB S . -27.44 -20.13 26.18
C6 PHB S . -26.98 -20.57 27.43
O4 PHB S . -28.02 -18.36 24.69
C1' PHB T . -19.27 -1.90 40.55
O1' PHB T . -19.85 -2.88 41.04
C1 PHB T . -17.81 -1.97 40.20
C2 PHB T . -17.27 -3.07 39.50
C3 PHB T . -15.90 -3.12 39.19
C4 PHB T . -15.02 -2.08 39.58
C5 PHB T . -15.55 -0.99 40.30
C6 PHB T . -16.93 -0.93 40.60
O4 PHB T . -13.67 -2.06 39.33
#